data_9I0N
#
_entry.id   9I0N
#
_cell.length_a   1.00
_cell.length_b   1.00
_cell.length_c   1.00
_cell.angle_alpha   90.00
_cell.angle_beta   90.00
_cell.angle_gamma   90.00
#
_symmetry.space_group_name_H-M   'P 1'
#
loop_
_entity.id
_entity.type
_entity.pdbx_description
1 polymer Sortilin
2 branched 2-acetamido-2-deoxy-beta-D-glucopyranose-(1-4)-2-acetamido-2-deoxy-beta-D-glucopyranose
3 non-polymer 2-acetamido-2-deoxy-beta-D-glucopyranose
#
_entity_poly.entity_id   1
_entity_poly.type   'polypeptide(L)'
_entity_poly.pdbx_seq_one_letter_code
;QDRLDAPPPPAAPLPRWSGPIGVSWGLRAAAAGGAFPRGGRWRRSAPGEDEECGRVRDFVAKLANNTHQHVFDDLRGSVS
LSWVGDSTGVILVLTTFHVPLVIMTFGQSKLYRSEDYGKNFKDITDLINNTFIRTEFGMAIGPENSGKVVLTAEVSGGSR
GGRIFRSSDFAKNFVQTDLPFHPLTQMMYSPQNSDYLLALSTENGLWVSKNFGGKWEEIHKAVCLAKWGSDNTIFFTTYA
NGSCKADLGALELWRTSDLGKSFKTIGVKIYSFGLGGRFLFASVMADKDTTRRIHVSTDQGDTWSMAQLPSVGQEQFYSI
LAANDDMVFMHVDEPGDTGFGTIFTSDDRGIVYSKSLDRHLYTTTGGETDFTNVTSLRGVYITSVLSEDNSIQTMITFDQ
GGRWTHLRKPENSECDATAKNKNECSLHIHASYSISQKLNVPMAPLSEPNAVGIVIAHGSVGDAISVMVPDVYISDDGGY
SWTKMLEGPHYYTILDSGGIIVAIEHSSRPINVIKFSTDEGQCWQTYTFTRDPIYFTGLASEPGARSMNISIWGFTESFL
TSQWVSYTIDFKDILERNCEEKDYTIWLAHSTDPEDYEDGCILGYKEQFLRLRKSSVCQNGRDYVVTKQPSICLCSLEDF
LCDFGYYRPENDSKCVEQPELKGHDLEFCLYGREEHLTTNGYRKIPGDKCQGGVNPVREVKDLKKKCTSNFLSPEKQNSK
SNSENLYFQSAGHHHHHHHHHH
;
_entity_poly.pdbx_strand_id   A
#
# COMPACT_ATOMS: atom_id res chain seq x y z
N GLY A 54 -24.18 26.72 -8.11
CA GLY A 54 -24.91 25.54 -8.53
C GLY A 54 -24.00 24.49 -9.14
N ARG A 55 -23.80 24.56 -10.45
CA ARG A 55 -22.94 23.62 -11.15
C ARG A 55 -22.36 24.29 -12.38
N VAL A 56 -21.27 23.71 -12.89
CA VAL A 56 -20.63 24.22 -14.11
C VAL A 56 -21.43 23.74 -15.32
N ARG A 57 -21.54 24.60 -16.32
CA ARG A 57 -22.30 24.31 -17.52
C ARG A 57 -21.40 24.47 -18.75
N ASP A 58 -21.87 23.93 -19.87
CA ASP A 58 -21.11 23.88 -21.11
C ASP A 58 -19.85 23.03 -20.95
N PHE A 59 -19.91 22.03 -20.06
CA PHE A 59 -18.77 21.16 -19.85
C PHE A 59 -18.60 20.15 -20.98
N VAL A 60 -19.70 19.78 -21.65
CA VAL A 60 -19.61 18.80 -22.73
C VAL A 60 -18.74 19.33 -23.86
N ALA A 61 -18.93 20.60 -24.23
CA ALA A 61 -18.10 21.18 -25.28
C ALA A 61 -16.63 21.22 -24.86
N LYS A 62 -16.36 21.57 -23.60
CA LYS A 62 -14.98 21.64 -23.13
C LYS A 62 -14.32 20.27 -23.17
N LEU A 63 -15.04 19.22 -22.78
CA LEU A 63 -14.48 17.88 -22.76
C LEU A 63 -14.50 17.19 -24.11
N ALA A 64 -15.24 17.72 -25.09
CA ALA A 64 -15.26 17.09 -26.41
C ALA A 64 -13.89 17.11 -27.07
N ASN A 65 -13.18 18.24 -26.98
CA ASN A 65 -11.90 18.39 -27.65
C ASN A 65 -10.72 17.81 -26.87
N ASN A 66 -10.96 17.30 -25.66
CA ASN A 66 -9.90 16.76 -24.81
C ASN A 66 -10.05 15.26 -24.60
N THR A 67 -10.65 14.56 -25.55
CA THR A 67 -10.81 13.11 -25.49
C THR A 67 -10.08 12.48 -26.68
N HIS A 68 -9.20 11.52 -26.39
CA HIS A 68 -8.38 10.89 -27.41
C HIS A 68 -8.57 9.38 -27.34
N GLN A 69 -8.83 8.76 -28.49
CA GLN A 69 -9.06 7.33 -28.58
C GLN A 69 -7.87 6.67 -29.28
N HIS A 70 -7.36 5.60 -28.69
CA HIS A 70 -6.29 4.80 -29.29
C HIS A 70 -6.68 3.34 -29.25
N VAL A 71 -6.61 2.68 -30.40
CA VAL A 71 -7.02 1.29 -30.56
C VAL A 71 -5.77 0.45 -30.78
N PHE A 72 -5.59 -0.58 -29.95
CA PHE A 72 -4.46 -1.48 -30.08
C PHE A 72 -4.88 -2.69 -30.92
N ASP A 73 -4.10 -2.96 -31.97
CA ASP A 73 -4.36 -4.10 -32.86
C ASP A 73 -3.40 -5.23 -32.49
N ASP A 74 -3.93 -6.26 -31.83
CA ASP A 74 -3.13 -7.40 -31.41
C ASP A 74 -4.07 -8.44 -30.80
N LEU A 75 -3.52 -9.63 -30.57
CA LEU A 75 -4.28 -10.69 -29.91
C LEU A 75 -4.48 -10.35 -28.44
N ARG A 76 -5.68 -10.56 -27.94
CA ARG A 76 -6.06 -10.15 -26.59
C ARG A 76 -5.65 -11.22 -25.61
N GLY A 77 -4.53 -11.01 -24.92
CA GLY A 77 -4.07 -11.91 -23.88
C GLY A 77 -4.13 -11.27 -22.51
N SER A 78 -2.98 -10.81 -22.02
CA SER A 78 -2.88 -10.09 -20.77
C SER A 78 -2.33 -8.69 -21.04
N VAL A 79 -2.39 -7.83 -20.03
CA VAL A 79 -1.88 -6.47 -20.13
C VAL A 79 -1.17 -6.12 -18.82
N SER A 80 -0.01 -5.49 -18.95
CA SER A 80 0.77 -5.03 -17.80
C SER A 80 1.21 -3.61 -18.07
N LEU A 81 0.82 -2.69 -17.19
CA LEU A 81 1.06 -1.26 -17.39
C LEU A 81 1.97 -0.74 -16.28
N SER A 82 3.02 -0.02 -16.68
CA SER A 82 4.01 0.51 -15.75
C SER A 82 4.32 1.95 -16.09
N TRP A 83 4.52 2.76 -15.05
CA TRP A 83 4.89 4.16 -15.19
C TRP A 83 6.38 4.31 -14.93
N VAL A 84 7.08 4.96 -15.85
CA VAL A 84 8.52 5.16 -15.75
C VAL A 84 8.75 6.59 -15.27
N GLY A 85 9.22 6.73 -14.04
CA GLY A 85 9.57 8.03 -13.50
C GLY A 85 8.34 8.86 -13.14
N ASP A 86 8.62 10.09 -12.71
CA ASP A 86 7.60 11.05 -12.36
C ASP A 86 7.74 12.29 -13.23
N SER A 87 6.61 12.90 -13.57
CA SER A 87 6.53 14.10 -14.40
C SER A 87 7.06 13.88 -15.81
N THR A 88 7.36 12.64 -16.18
CA THR A 88 7.84 12.35 -17.53
C THR A 88 6.72 11.96 -18.47
N GLY A 89 5.69 11.27 -17.97
CA GLY A 89 4.58 10.88 -18.81
C GLY A 89 4.81 9.62 -19.60
N VAL A 90 5.82 8.83 -19.26
CA VAL A 90 6.15 7.62 -19.99
C VAL A 90 5.37 6.45 -19.41
N ILE A 91 4.83 5.61 -20.29
CA ILE A 91 4.09 4.41 -19.89
C ILE A 91 4.53 3.27 -20.80
N LEU A 92 4.58 2.06 -20.25
CA LEU A 92 4.91 0.86 -21.01
C LEU A 92 3.80 -0.18 -20.83
N VAL A 93 3.34 -0.74 -21.94
CA VAL A 93 2.31 -1.76 -21.96
C VAL A 93 2.90 -3.02 -22.56
N LEU A 94 2.73 -4.15 -21.86
CA LEU A 94 3.29 -5.43 -22.28
C LEU A 94 2.16 -6.43 -22.44
N THR A 95 1.86 -6.79 -23.68
CA THR A 95 0.80 -7.75 -23.99
C THR A 95 1.43 -9.12 -24.25
N THR A 96 1.04 -10.11 -23.45
CA THR A 96 1.53 -11.47 -23.58
C THR A 96 0.39 -12.40 -23.94
N PHE A 97 0.69 -13.41 -24.76
CA PHE A 97 -0.35 -14.31 -25.25
C PHE A 97 0.30 -15.63 -25.64
N HIS A 98 -0.52 -16.68 -25.68
CA HIS A 98 -0.08 -18.00 -26.13
C HIS A 98 -0.97 -18.51 -27.26
N PHE A 106 3.37 -21.76 -29.16
CA PHE A 106 4.35 -20.80 -28.64
C PHE A 106 3.64 -19.56 -28.10
N GLY A 107 4.44 -18.58 -27.67
CA GLY A 107 3.90 -17.33 -27.17
C GLY A 107 4.52 -16.15 -27.90
N GLN A 108 3.83 -15.02 -27.81
CA GLN A 108 4.27 -13.78 -28.43
C GLN A 108 4.08 -12.64 -27.46
N SER A 109 4.86 -11.57 -27.65
CA SER A 109 4.78 -10.38 -26.82
C SER A 109 4.76 -9.14 -27.70
N LYS A 110 4.02 -8.12 -27.26
CA LYS A 110 3.99 -6.81 -27.90
C LYS A 110 4.29 -5.75 -26.85
N LEU A 111 5.11 -4.77 -27.20
CA LEU A 111 5.52 -3.72 -26.29
C LEU A 111 5.16 -2.37 -26.88
N TYR A 112 4.47 -1.54 -26.09
CA TYR A 112 4.05 -0.22 -26.51
C TYR A 112 4.59 0.82 -25.54
N ARG A 113 4.94 1.99 -26.07
CA ARG A 113 5.48 3.07 -25.25
C ARG A 113 4.77 4.38 -25.59
N SER A 114 4.63 5.22 -24.57
CA SER A 114 4.03 6.53 -24.71
C SER A 114 4.90 7.55 -24.00
N GLU A 115 4.80 8.80 -24.46
CA GLU A 115 5.45 9.93 -23.79
C GLU A 115 4.47 11.06 -23.51
N ASP A 116 3.17 10.79 -23.62
CA ASP A 116 2.14 11.83 -23.63
C ASP A 116 1.08 11.56 -22.57
N TYR A 117 1.44 10.89 -21.48
CA TYR A 117 0.50 10.51 -20.43
C TYR A 117 -0.59 9.58 -20.94
N GLY A 118 -0.28 8.79 -21.96
CA GLY A 118 -1.18 7.76 -22.44
C GLY A 118 -2.07 8.15 -23.60
N LYS A 119 -1.90 9.35 -24.15
CA LYS A 119 -2.75 9.77 -25.27
C LYS A 119 -2.34 9.09 -26.57
N ASN A 120 -1.04 8.91 -26.80
CA ASN A 120 -0.53 8.27 -27.99
C ASN A 120 0.46 7.19 -27.62
N PHE A 121 0.45 6.10 -28.39
CA PHE A 121 1.35 4.98 -28.19
C PHE A 121 2.06 4.64 -29.48
N LYS A 122 3.25 4.03 -29.36
CA LYS A 122 4.02 3.56 -30.49
C LYS A 122 4.51 2.15 -30.20
N ASP A 123 4.63 1.35 -31.26
CA ASP A 123 5.02 -0.05 -31.14
C ASP A 123 6.53 -0.14 -31.19
N ILE A 124 7.15 -0.48 -30.06
CA ILE A 124 8.60 -0.61 -29.99
C ILE A 124 8.96 -2.07 -29.80
N THR A 125 8.10 -2.96 -30.32
CA THR A 125 8.36 -4.39 -30.20
C THR A 125 9.57 -4.82 -31.02
N ASP A 126 10.03 -3.98 -31.95
CA ASP A 126 11.21 -4.31 -32.74
C ASP A 126 12.52 -3.97 -32.02
N LEU A 127 12.46 -3.22 -30.91
CA LEU A 127 13.66 -2.97 -30.13
C LEU A 127 14.11 -4.17 -29.33
N ILE A 128 13.18 -5.06 -28.96
CA ILE A 128 13.52 -6.29 -28.26
C ILE A 128 13.63 -7.46 -29.24
N ASN A 129 13.81 -7.17 -30.53
CA ASN A 129 14.06 -8.20 -31.53
C ASN A 129 12.95 -9.23 -31.60
N ASN A 130 11.72 -8.80 -31.29
CA ASN A 130 10.55 -9.69 -31.35
C ASN A 130 10.78 -10.96 -30.54
N THR A 131 11.28 -10.78 -29.32
CA THR A 131 11.54 -11.88 -28.41
C THR A 131 10.39 -12.02 -27.41
N PHE A 132 10.19 -13.25 -26.94
CA PHE A 132 9.18 -13.50 -25.92
C PHE A 132 9.73 -13.12 -24.55
N ILE A 133 8.86 -12.54 -23.72
CA ILE A 133 9.26 -11.97 -22.43
C ILE A 133 8.47 -12.67 -21.33
N ARG A 134 9.17 -13.09 -20.28
CA ARG A 134 8.53 -13.70 -19.12
C ARG A 134 7.70 -12.64 -18.40
N THR A 135 6.39 -12.77 -18.44
CA THR A 135 5.51 -11.82 -17.76
C THR A 135 5.43 -12.07 -16.26
N GLU A 136 5.86 -13.24 -15.79
CA GLU A 136 5.84 -13.52 -14.35
C GLU A 136 6.70 -12.52 -13.59
N PHE A 137 7.89 -12.25 -14.12
CA PHE A 137 8.75 -11.22 -13.51
C PHE A 137 8.17 -9.83 -13.74
N GLY A 138 7.75 -9.55 -14.97
CA GLY A 138 7.20 -8.24 -15.30
C GLY A 138 8.28 -7.29 -15.75
N MET A 139 8.24 -6.06 -15.23
CA MET A 139 9.21 -5.03 -15.54
C MET A 139 9.88 -4.58 -14.25
N ALA A 140 11.19 -4.37 -14.30
CA ALA A 140 11.97 -3.93 -13.14
C ALA A 140 12.31 -2.45 -13.35
N ILE A 141 11.41 -1.59 -12.91
CA ILE A 141 11.61 -0.15 -13.04
C ILE A 141 12.50 0.35 -11.93
N GLY A 142 13.46 1.21 -12.26
CA GLY A 142 14.41 1.72 -11.31
C GLY A 142 13.79 2.75 -10.38
N PRO A 143 14.45 3.02 -9.26
CA PRO A 143 13.90 3.98 -8.29
C PRO A 143 13.98 5.42 -8.79
N GLU A 144 13.09 6.25 -8.26
CA GLU A 144 13.11 7.69 -8.52
C GLU A 144 13.02 7.92 -10.03
N ASN A 145 13.54 9.05 -10.50
CA ASN A 145 13.62 9.33 -11.93
C ASN A 145 14.91 8.78 -12.53
N SER A 146 15.17 7.49 -12.30
CA SER A 146 16.35 6.85 -12.87
C SER A 146 16.16 6.52 -14.34
N GLY A 147 14.94 6.19 -14.75
CA GLY A 147 14.68 5.84 -16.13
C GLY A 147 15.33 4.55 -16.58
N LYS A 148 15.35 3.54 -15.72
CA LYS A 148 15.98 2.26 -16.01
C LYS A 148 14.91 1.18 -16.04
N VAL A 149 14.98 0.32 -17.06
CA VAL A 149 14.03 -0.77 -17.23
C VAL A 149 14.81 -2.03 -17.61
N VAL A 150 14.38 -3.17 -17.07
CA VAL A 150 14.99 -4.48 -17.38
C VAL A 150 13.88 -5.46 -17.70
N LEU A 151 14.04 -6.19 -18.79
CA LEU A 151 13.09 -7.21 -19.22
C LEU A 151 13.83 -8.54 -19.33
N THR A 152 13.25 -9.59 -18.76
CA THR A 152 13.83 -10.93 -18.80
C THR A 152 13.17 -11.74 -19.90
N ALA A 153 13.97 -12.32 -20.79
CA ALA A 153 13.46 -13.05 -21.93
C ALA A 153 13.43 -14.55 -21.65
N GLU A 154 12.77 -15.28 -22.55
CA GLU A 154 12.73 -16.74 -22.50
C GLU A 154 13.65 -17.29 -23.58
N VAL A 155 14.50 -18.24 -23.18
CA VAL A 155 15.53 -18.79 -24.06
C VAL A 155 15.45 -20.30 -24.05
N SER A 156 16.08 -20.91 -25.05
CA SER A 156 16.02 -22.36 -25.20
C SER A 156 16.66 -23.05 -24.00
N GLY A 157 16.20 -24.27 -23.73
CA GLY A 157 16.72 -25.00 -22.59
C GLY A 157 18.20 -25.28 -22.70
N GLY A 158 18.69 -25.52 -23.92
CA GLY A 158 20.10 -25.83 -24.11
C GLY A 158 21.02 -24.66 -23.82
N SER A 159 20.49 -23.45 -23.77
CA SER A 159 21.33 -22.29 -23.54
C SER A 159 21.97 -22.35 -22.16
N ARG A 160 23.21 -21.85 -22.08
CA ARG A 160 23.93 -21.86 -20.81
C ARG A 160 23.28 -20.91 -19.80
N GLY A 161 22.81 -19.75 -20.25
CA GLY A 161 22.27 -18.76 -19.35
C GLY A 161 21.15 -17.98 -20.00
N GLY A 162 20.49 -17.16 -19.17
CA GLY A 162 19.31 -16.43 -19.61
C GLY A 162 19.64 -15.30 -20.57
N ARG A 163 18.82 -14.25 -20.54
CA ARG A 163 19.00 -13.11 -21.44
C ARG A 163 18.09 -11.97 -21.02
N ILE A 164 18.63 -10.77 -20.90
CA ILE A 164 17.85 -9.61 -20.47
C ILE A 164 18.05 -8.48 -21.47
N PHE A 165 17.06 -7.58 -21.54
CA PHE A 165 17.14 -6.34 -22.28
C PHE A 165 17.06 -5.21 -21.28
N ARG A 166 18.06 -4.32 -21.30
CA ARG A 166 18.20 -3.30 -20.28
C ARG A 166 18.36 -1.93 -20.94
N SER A 167 17.66 -0.93 -20.38
CA SER A 167 17.66 0.42 -20.90
C SER A 167 17.86 1.41 -19.76
N SER A 168 18.40 2.59 -20.12
CA SER A 168 18.57 3.67 -19.17
C SER A 168 18.17 5.02 -19.76
N ASP A 169 17.34 5.02 -20.80
CA ASP A 169 16.92 6.24 -21.49
C ASP A 169 15.42 6.42 -21.42
N PHE A 170 14.78 5.92 -20.37
CA PHE A 170 13.32 5.90 -20.26
C PHE A 170 12.72 5.10 -21.41
N ALA A 171 13.35 3.97 -21.73
CA ALA A 171 12.85 3.04 -22.74
C ALA A 171 12.97 3.61 -24.16
N LYS A 172 14.05 4.36 -24.41
CA LYS A 172 14.33 4.84 -25.76
C LYS A 172 15.28 3.94 -26.51
N ASN A 173 16.13 3.19 -25.82
CA ASN A 173 17.05 2.26 -26.45
C ASN A 173 17.28 1.09 -25.51
N PHE A 174 17.28 -0.13 -26.06
CA PHE A 174 17.48 -1.35 -25.30
C PHE A 174 18.75 -2.05 -25.77
N VAL A 175 19.44 -2.68 -24.83
CA VAL A 175 20.67 -3.42 -25.10
C VAL A 175 20.50 -4.84 -24.60
N GLN A 176 20.97 -5.80 -25.39
CA GLN A 176 20.83 -7.22 -25.10
C GLN A 176 22.11 -7.75 -24.48
N THR A 177 21.97 -8.54 -23.41
CA THR A 177 23.11 -9.18 -22.77
C THR A 177 22.74 -10.61 -22.38
N ASP A 178 23.75 -11.47 -22.30
CA ASP A 178 23.59 -12.86 -21.91
C ASP A 178 24.13 -13.02 -20.48
N LEU A 179 23.27 -13.48 -19.59
CA LEU A 179 23.70 -13.74 -18.23
C LEU A 179 24.44 -15.08 -18.16
N PRO A 180 25.36 -15.25 -17.21
CA PRO A 180 26.00 -16.54 -17.01
C PRO A 180 25.21 -17.53 -16.17
N PHE A 181 23.94 -17.26 -15.92
CA PHE A 181 23.12 -18.12 -15.06
C PHE A 181 21.66 -18.00 -15.50
N HIS A 182 20.80 -18.76 -14.85
CA HIS A 182 19.37 -18.72 -15.10
C HIS A 182 18.67 -18.02 -13.95
N PRO A 183 18.15 -16.81 -14.12
CA PRO A 183 17.55 -16.12 -12.97
C PRO A 183 16.38 -16.90 -12.39
N LEU A 184 16.27 -16.85 -11.06
CA LEU A 184 15.16 -17.48 -10.35
C LEU A 184 14.18 -16.48 -9.76
N THR A 185 14.60 -15.25 -9.50
CA THR A 185 13.71 -14.21 -9.02
C THR A 185 13.88 -12.96 -9.88
N GLN A 186 13.26 -11.85 -9.46
CA GLN A 186 13.36 -10.60 -10.20
C GLN A 186 14.53 -9.78 -9.68
N MET A 187 15.12 -9.00 -10.60
CA MET A 187 16.23 -8.14 -10.22
C MET A 187 15.79 -7.12 -9.19
N MET A 188 16.68 -6.78 -8.27
CA MET A 188 16.41 -5.81 -7.21
C MET A 188 17.40 -4.66 -7.31
N TYR A 189 16.88 -3.43 -7.28
CA TYR A 189 17.70 -2.23 -7.31
C TYR A 189 18.05 -1.80 -5.90
N SER A 190 19.29 -1.35 -5.72
CA SER A 190 19.68 -0.78 -4.44
C SER A 190 19.03 0.59 -4.26
N PRO A 191 18.38 0.87 -3.14
CA PRO A 191 17.78 2.20 -2.96
C PRO A 191 18.78 3.34 -3.09
N GLN A 192 20.01 3.13 -2.61
CA GLN A 192 21.01 4.20 -2.64
C GLN A 192 21.55 4.44 -4.04
N ASN A 193 21.62 3.40 -4.87
CA ASN A 193 22.20 3.51 -6.20
C ASN A 193 21.44 2.57 -7.13
N SER A 194 21.14 3.06 -8.33
CA SER A 194 20.38 2.28 -9.30
C SER A 194 21.27 1.46 -10.23
N ASP A 195 22.59 1.54 -10.08
CA ASP A 195 23.52 0.73 -10.85
C ASP A 195 23.81 -0.62 -10.22
N TYR A 196 23.25 -0.90 -9.04
CA TYR A 196 23.51 -2.12 -8.31
C TYR A 196 22.30 -3.05 -8.41
N LEU A 197 22.55 -4.30 -8.80
CA LEU A 197 21.50 -5.29 -8.98
C LEU A 197 21.96 -6.62 -8.39
N LEU A 198 21.04 -7.35 -7.78
CA LEU A 198 21.30 -8.71 -7.32
C LEU A 198 20.16 -9.62 -7.72
N ALA A 199 20.47 -10.91 -7.87
CA ALA A 199 19.47 -11.90 -8.21
C ALA A 199 19.98 -13.28 -7.80
N LEU A 200 19.03 -14.19 -7.55
CA LEU A 200 19.33 -15.56 -7.21
C LEU A 200 19.12 -16.45 -8.44
N SER A 201 20.05 -17.36 -8.69
CA SER A 201 19.93 -18.27 -9.81
C SER A 201 19.04 -19.44 -9.45
N THR A 202 18.89 -20.38 -10.38
CA THR A 202 18.09 -21.58 -10.11
C THR A 202 18.82 -22.60 -9.26
N GLU A 203 20.14 -22.48 -9.14
CA GLU A 203 20.94 -23.36 -8.31
C GLU A 203 21.17 -22.79 -6.92
N ASN A 204 20.46 -21.72 -6.54
CA ASN A 204 20.52 -21.10 -5.23
C ASN A 204 21.77 -20.26 -5.02
N GLY A 205 22.41 -19.78 -6.08
CA GLY A 205 23.53 -18.88 -5.93
C GLY A 205 23.08 -17.44 -5.74
N LEU A 206 24.05 -16.57 -5.46
CA LEU A 206 23.80 -15.15 -5.27
C LEU A 206 24.76 -14.37 -6.15
N TRP A 207 24.23 -13.66 -7.14
CA TRP A 207 25.02 -12.90 -8.10
C TRP A 207 24.71 -11.42 -7.95
N VAL A 208 25.78 -10.61 -7.94
CA VAL A 208 25.65 -9.16 -7.81
C VAL A 208 26.32 -8.49 -8.99
N SER A 209 25.85 -7.29 -9.32
CA SER A 209 26.40 -6.52 -10.43
C SER A 209 26.55 -5.07 -10.00
N LYS A 210 27.72 -4.49 -10.29
CA LYS A 210 27.99 -3.08 -10.05
C LYS A 210 27.95 -2.26 -11.33
N ASN A 211 27.45 -2.85 -12.43
CA ASN A 211 27.54 -2.23 -13.75
C ASN A 211 26.18 -2.10 -14.42
N PHE A 212 25.09 -2.33 -13.70
CA PHE A 212 23.75 -2.33 -14.28
C PHE A 212 23.61 -3.45 -15.32
N GLY A 213 23.98 -4.67 -14.91
CA GLY A 213 23.79 -5.85 -15.72
C GLY A 213 24.90 -6.15 -16.70
N GLY A 214 25.90 -5.29 -16.82
CA GLY A 214 26.97 -5.54 -17.77
C GLY A 214 27.77 -6.78 -17.43
N LYS A 215 28.15 -6.93 -16.16
CA LYS A 215 28.92 -8.08 -15.70
C LYS A 215 28.44 -8.49 -14.33
N TRP A 216 28.30 -9.80 -14.12
CA TRP A 216 27.82 -10.37 -12.87
C TRP A 216 28.91 -11.23 -12.26
N GLU A 217 28.93 -11.29 -10.93
CA GLU A 217 29.87 -12.10 -10.19
C GLU A 217 29.13 -12.84 -9.07
N GLU A 218 29.54 -14.07 -8.79
CA GLU A 218 28.91 -14.88 -7.76
C GLU A 218 29.64 -14.71 -6.44
N ILE A 219 28.88 -14.44 -5.38
CA ILE A 219 29.46 -14.18 -4.07
C ILE A 219 29.14 -15.27 -3.06
N HIS A 220 28.05 -16.02 -3.24
CA HIS A 220 27.76 -17.15 -2.36
C HIS A 220 27.00 -18.20 -3.18
N LYS A 221 27.03 -19.45 -2.69
CA LYS A 221 26.59 -20.58 -3.49
C LYS A 221 25.42 -21.36 -2.92
N ALA A 222 24.89 -21.00 -1.74
CA ALA A 222 23.80 -21.76 -1.15
C ALA A 222 22.74 -20.85 -0.54
N VAL A 223 22.57 -19.66 -1.08
CA VAL A 223 21.63 -18.71 -0.52
C VAL A 223 20.20 -19.13 -0.87
N CYS A 224 19.25 -18.73 -0.03
CA CYS A 224 17.84 -18.99 -0.33
C CYS A 224 16.95 -17.80 0.01
N LEU A 225 17.51 -16.67 0.41
CA LEU A 225 16.76 -15.43 0.55
C LEU A 225 17.74 -14.27 0.74
N ALA A 226 17.57 -13.21 -0.05
CA ALA A 226 18.47 -12.06 0.03
C ALA A 226 17.68 -10.79 -0.27
N LYS A 227 18.04 -9.71 0.43
CA LYS A 227 17.38 -8.43 0.23
C LYS A 227 18.35 -7.31 0.58
N TRP A 228 18.18 -6.17 -0.09
CA TRP A 228 19.05 -5.02 0.12
C TRP A 228 18.74 -4.35 1.45
N GLY A 229 19.66 -3.47 1.85
CA GLY A 229 19.47 -2.64 3.02
C GLY A 229 19.97 -1.23 2.77
N SER A 230 20.05 -0.42 3.82
CA SER A 230 20.59 0.93 3.66
C SER A 230 22.09 0.87 3.44
N ASP A 231 22.59 1.78 2.59
CA ASP A 231 24.02 1.88 2.31
C ASP A 231 24.56 0.65 1.60
N ASN A 232 23.77 0.10 0.66
CA ASN A 232 24.21 -1.02 -0.16
C ASN A 232 24.65 -2.20 0.69
N THR A 233 23.89 -2.50 1.73
CA THR A 233 24.15 -3.62 2.63
C THR A 233 23.19 -4.76 2.29
N ILE A 234 23.73 -5.96 2.15
CA ILE A 234 22.97 -7.13 1.72
C ILE A 234 22.85 -8.09 2.89
N PHE A 235 21.62 -8.48 3.20
CA PHE A 235 21.34 -9.53 4.18
C PHE A 235 20.85 -10.77 3.44
N PHE A 236 21.33 -11.95 3.85
CA PHE A 236 20.86 -13.18 3.22
C PHE A 236 21.05 -14.33 4.20
N THR A 237 20.35 -15.43 3.90
CA THR A 237 20.41 -16.65 4.69
C THR A 237 20.88 -17.80 3.83
N THR A 238 21.64 -18.72 4.43
CA THR A 238 22.21 -19.86 3.73
C THR A 238 21.92 -21.13 4.52
N TYR A 239 21.75 -22.24 3.79
CA TYR A 239 21.52 -23.54 4.38
C TYR A 239 22.77 -24.40 4.24
N ALA A 240 23.18 -25.05 5.33
CA ALA A 240 24.38 -25.85 5.30
C ALA A 240 24.18 -27.15 4.54
N ASN A 241 23.06 -27.83 4.79
CA ASN A 241 22.81 -29.15 4.21
C ASN A 241 21.38 -29.22 3.70
N GLY A 242 21.17 -30.07 2.70
CA GLY A 242 19.83 -30.27 2.18
C GLY A 242 19.34 -29.02 1.46
N SER A 243 18.14 -28.57 1.82
CA SER A 243 17.54 -27.38 1.22
C SER A 243 16.90 -26.55 2.32
N CYS A 244 16.69 -25.27 2.03
CA CYS A 244 16.08 -24.39 3.02
C CYS A 244 14.70 -24.88 3.43
N LYS A 245 14.04 -25.67 2.58
CA LYS A 245 12.79 -26.31 2.99
C LYS A 245 13.04 -27.41 4.02
N ALA A 246 14.02 -28.28 3.74
CA ALA A 246 14.35 -29.36 4.67
C ALA A 246 15.18 -28.85 5.85
N ASP A 247 16.00 -27.83 5.63
CA ASP A 247 16.90 -27.31 6.64
C ASP A 247 16.31 -26.12 7.39
N LEU A 248 15.00 -25.93 7.31
CA LEU A 248 14.37 -24.79 7.97
C LEU A 248 14.58 -24.86 9.48
N GLY A 249 14.80 -23.70 10.09
CA GLY A 249 15.05 -23.63 11.50
C GLY A 249 16.49 -23.83 11.92
N ALA A 250 17.39 -24.08 10.97
CA ALA A 250 18.82 -24.24 11.25
C ALA A 250 19.65 -23.44 10.26
N LEU A 251 19.09 -22.37 9.73
CA LEU A 251 19.79 -21.53 8.76
C LEU A 251 20.80 -20.64 9.46
N GLU A 252 21.46 -19.80 8.68
CA GLU A 252 22.34 -18.76 9.20
C GLU A 252 21.98 -17.45 8.53
N LEU A 253 22.34 -16.35 9.19
CA LEU A 253 22.11 -15.01 8.67
C LEU A 253 23.45 -14.31 8.50
N TRP A 254 23.77 -13.93 7.27
CA TRP A 254 25.03 -13.29 6.93
C TRP A 254 24.78 -11.85 6.50
N ARG A 255 25.85 -11.06 6.51
CA ARG A 255 25.80 -9.68 6.04
C ARG A 255 27.09 -9.35 5.32
N THR A 256 27.00 -8.43 4.37
CA THR A 256 28.18 -7.96 3.65
C THR A 256 27.92 -6.55 3.16
N SER A 257 28.72 -5.60 3.65
CA SER A 257 28.60 -4.20 3.28
C SER A 257 29.56 -3.79 2.17
N ASP A 258 30.41 -4.70 1.69
CA ASP A 258 31.37 -4.41 0.64
C ASP A 258 30.96 -4.99 -0.71
N LEU A 259 29.74 -5.49 -0.82
CA LEU A 259 29.27 -6.16 -2.05
C LEU A 259 30.16 -7.35 -2.40
N GLY A 260 30.30 -8.26 -1.44
CA GLY A 260 30.89 -9.57 -1.70
C GLY A 260 32.33 -9.73 -1.28
N LYS A 261 32.98 -8.70 -0.76
CA LYS A 261 34.39 -8.82 -0.40
C LYS A 261 34.59 -9.38 1.01
N SER A 262 33.72 -9.06 1.95
CA SER A 262 33.81 -9.58 3.31
C SER A 262 32.42 -9.91 3.82
N PHE A 263 32.35 -10.86 4.75
CA PHE A 263 31.10 -11.31 5.34
C PHE A 263 31.23 -11.37 6.86
N LYS A 264 30.09 -11.28 7.53
CA LYS A 264 30.04 -11.34 8.98
C LYS A 264 28.73 -12.00 9.39
N THR A 265 28.82 -13.19 9.99
CA THR A 265 27.63 -13.89 10.43
C THR A 265 26.96 -13.14 11.57
N ILE A 266 25.66 -12.97 11.48
CA ILE A 266 24.91 -12.22 12.48
C ILE A 266 23.72 -13.02 12.99
N GLY A 267 23.78 -14.34 12.91
CA GLY A 267 22.69 -15.16 13.39
C GLY A 267 22.84 -16.64 13.13
N VAL A 268 22.37 -17.46 14.08
CA VAL A 268 22.37 -18.91 13.94
C VAL A 268 21.00 -19.42 14.40
N LYS A 269 20.67 -20.63 13.95
CA LYS A 269 19.37 -21.24 14.27
C LYS A 269 18.23 -20.33 13.84
N ILE A 270 18.39 -19.69 12.69
CA ILE A 270 17.39 -18.76 12.18
C ILE A 270 16.26 -19.54 11.52
N TYR A 271 15.07 -18.95 11.54
CA TYR A 271 13.91 -19.49 10.84
C TYR A 271 13.43 -18.58 9.72
N SER A 272 13.66 -17.27 9.83
CA SER A 272 13.30 -16.30 8.81
C SER A 272 13.81 -14.94 9.28
N PHE A 273 13.71 -13.94 8.41
CA PHE A 273 14.07 -12.58 8.75
C PHE A 273 13.34 -11.62 7.83
N GLY A 274 13.27 -10.36 8.26
CA GLY A 274 12.58 -9.36 7.48
C GLY A 274 12.98 -7.97 7.92
N LEU A 275 12.77 -7.01 7.03
CA LEU A 275 13.12 -5.62 7.26
C LEU A 275 11.86 -4.77 7.30
N GLY A 276 11.78 -3.88 8.28
CA GLY A 276 10.68 -2.94 8.37
C GLY A 276 11.09 -1.67 9.09
N GLY A 277 10.87 -0.52 8.46
CA GLY A 277 11.30 0.73 9.07
C GLY A 277 12.80 0.69 9.29
N ARG A 278 13.21 1.02 10.53
CA ARG A 278 14.60 0.99 10.92
C ARG A 278 14.93 -0.20 11.82
N PHE A 279 14.13 -1.26 11.76
CA PHE A 279 14.30 -2.45 12.59
C PHE A 279 14.63 -3.64 11.72
N LEU A 280 15.31 -4.62 12.32
CA LEU A 280 15.62 -5.89 11.67
C LEU A 280 15.06 -7.01 12.54
N PHE A 281 14.15 -7.80 11.99
CA PHE A 281 13.49 -8.87 12.72
C PHE A 281 14.02 -10.22 12.26
N ALA A 282 14.21 -11.12 13.22
CA ALA A 282 14.68 -12.46 12.94
C ALA A 282 14.01 -13.43 13.90
N SER A 283 13.52 -14.54 13.38
CA SER A 283 12.84 -15.56 14.16
C SER A 283 13.79 -16.73 14.41
N VAL A 284 13.98 -17.08 15.68
CA VAL A 284 14.99 -18.04 16.10
C VAL A 284 14.30 -19.19 16.81
N MET A 285 14.64 -20.43 16.42
CA MET A 285 14.06 -21.60 17.06
C MET A 285 14.59 -21.75 18.48
N ALA A 286 13.80 -22.40 19.32
CA ALA A 286 14.18 -22.61 20.71
C ALA A 286 15.22 -23.72 20.84
N ASP A 287 15.90 -23.72 21.98
CA ASP A 287 16.99 -24.67 22.18
C ASP A 287 16.50 -26.12 22.21
N LYS A 288 15.38 -26.37 22.87
CA LYS A 288 14.89 -27.73 23.09
C LYS A 288 13.43 -27.90 22.72
N ASP A 289 12.91 -27.06 21.83
CA ASP A 289 11.52 -27.18 21.40
C ASP A 289 11.36 -26.49 20.05
N THR A 290 10.23 -26.79 19.39
CA THR A 290 9.95 -26.20 18.10
C THR A 290 9.45 -24.76 18.20
N THR A 291 9.12 -24.29 19.40
CA THR A 291 8.65 -22.92 19.55
C THR A 291 9.75 -21.93 19.15
N ARG A 292 9.36 -20.83 18.52
CA ARG A 292 10.28 -19.82 18.06
C ARG A 292 9.85 -18.45 18.58
N ARG A 293 10.84 -17.57 18.77
CA ARG A 293 10.61 -16.22 19.26
C ARG A 293 11.12 -15.21 18.24
N ILE A 294 11.08 -13.93 18.61
CA ILE A 294 11.47 -12.84 17.73
C ILE A 294 12.63 -12.08 18.38
N HIS A 295 13.57 -11.66 17.55
CA HIS A 295 14.68 -10.80 17.97
C HIS A 295 14.69 -9.56 17.09
N VAL A 296 15.05 -8.42 17.67
CA VAL A 296 15.03 -7.15 16.97
C VAL A 296 16.36 -6.43 17.18
N SER A 297 16.89 -5.85 16.12
CA SER A 297 18.15 -5.10 16.16
C SER A 297 18.02 -3.82 15.36
N THR A 298 18.60 -2.74 15.87
CA THR A 298 18.63 -1.46 15.19
C THR A 298 20.03 -1.07 14.72
N ASP A 299 20.99 -1.99 14.79
CA ASP A 299 22.35 -1.75 14.35
C ASP A 299 22.71 -2.56 13.12
N GLN A 300 21.71 -3.05 12.38
CA GLN A 300 21.94 -3.94 11.24
C GLN A 300 22.59 -5.25 11.66
N GLY A 301 22.31 -5.70 12.89
CA GLY A 301 22.76 -6.99 13.35
C GLY A 301 23.97 -6.98 14.25
N ASP A 302 24.56 -5.83 14.54
CA ASP A 302 25.70 -5.80 15.44
C ASP A 302 25.31 -6.25 16.85
N THR A 303 24.17 -5.79 17.35
CA THR A 303 23.66 -6.19 18.65
C THR A 303 22.18 -6.48 18.54
N TRP A 304 21.72 -7.47 19.31
CA TRP A 304 20.34 -7.91 19.27
C TRP A 304 19.71 -7.82 20.66
N SER A 305 18.38 -7.78 20.68
CA SER A 305 17.60 -7.85 21.91
C SER A 305 16.33 -8.63 21.62
N MET A 306 15.75 -9.19 22.68
CA MET A 306 14.60 -10.09 22.56
C MET A 306 13.31 -9.31 22.78
N ALA A 307 12.42 -9.35 21.79
CA ALA A 307 11.14 -8.66 21.89
C ALA A 307 10.25 -9.32 22.93
N GLN A 308 9.43 -8.50 23.59
CA GLN A 308 8.54 -8.98 24.65
C GLN A 308 7.20 -9.39 24.04
N LEU A 309 7.25 -10.48 23.29
CA LEU A 309 6.06 -11.06 22.66
C LEU A 309 5.96 -12.53 23.01
N PRO A 310 4.75 -13.07 23.05
CA PRO A 310 4.60 -14.51 23.31
C PRO A 310 5.19 -15.34 22.19
N SER A 311 5.69 -16.52 22.55
CA SER A 311 6.23 -17.44 21.57
C SER A 311 5.10 -18.06 20.76
N VAL A 312 5.47 -18.68 19.63
CA VAL A 312 4.51 -19.30 18.73
C VAL A 312 4.91 -20.75 18.49
N GLY A 313 3.93 -21.57 18.14
CA GLY A 313 4.17 -22.95 17.79
C GLY A 313 4.55 -23.08 16.32
N GLN A 314 4.57 -24.33 15.86
CA GLN A 314 4.97 -24.60 14.49
C GLN A 314 3.87 -24.27 13.49
N GLU A 315 2.61 -24.21 13.92
CA GLU A 315 1.49 -23.92 13.02
C GLU A 315 1.09 -22.46 13.00
N GLN A 316 1.66 -21.63 13.88
CA GLN A 316 1.33 -20.22 13.94
C GLN A 316 2.37 -19.41 13.15
N PHE A 317 2.25 -18.10 13.21
CA PHE A 317 3.15 -17.24 12.46
C PHE A 317 3.09 -15.82 13.03
N TYR A 318 4.06 -15.01 12.62
CA TYR A 318 4.08 -13.58 12.87
C TYR A 318 3.83 -12.84 11.57
N SER A 319 3.58 -11.54 11.68
CA SER A 319 3.37 -10.72 10.49
C SER A 319 3.46 -9.24 10.84
N ILE A 320 4.20 -8.49 10.04
CA ILE A 320 4.40 -7.06 10.28
C ILE A 320 3.31 -6.32 9.52
N LEU A 321 2.24 -5.94 10.23
CA LEU A 321 1.14 -5.25 9.57
C LEU A 321 1.59 -3.93 8.98
N ALA A 322 2.39 -3.16 9.72
CA ALA A 322 2.91 -1.90 9.21
C ALA A 322 4.04 -1.40 10.10
N ALA A 323 5.19 -1.09 9.50
CA ALA A 323 6.36 -0.62 10.21
C ALA A 323 6.65 0.82 9.84
N ASN A 324 7.11 1.59 10.81
CA ASN A 324 7.36 3.01 10.66
C ASN A 324 8.80 3.32 11.08
N ASP A 325 9.13 4.61 11.13
CA ASP A 325 10.42 5.02 11.63
C ASP A 325 10.51 4.99 13.15
N ASP A 326 9.36 4.97 13.84
CA ASP A 326 9.36 4.97 15.30
C ASP A 326 8.31 4.04 15.90
N MET A 327 7.83 3.05 15.14
CA MET A 327 6.75 2.20 15.62
C MET A 327 6.55 1.06 14.63
N VAL A 328 6.02 -0.06 15.12
CA VAL A 328 5.71 -1.22 14.31
C VAL A 328 4.44 -1.86 14.82
N PHE A 329 3.58 -2.30 13.89
CA PHE A 329 2.41 -3.12 14.19
C PHE A 329 2.76 -4.58 13.96
N MET A 330 2.38 -5.45 14.90
CA MET A 330 2.71 -6.86 14.84
C MET A 330 1.46 -7.69 15.02
N HIS A 331 1.35 -8.78 14.25
CA HIS A 331 0.24 -9.71 14.33
C HIS A 331 0.76 -11.07 14.78
N VAL A 332 0.09 -11.67 15.76
CA VAL A 332 0.46 -12.97 16.30
C VAL A 332 -0.75 -13.89 16.20
N ASP A 333 -0.62 -14.97 15.44
CA ASP A 333 -1.72 -15.90 15.21
C ASP A 333 -1.92 -16.80 16.42
N GLU A 334 -3.17 -16.95 16.84
CA GLU A 334 -3.49 -17.80 17.97
C GLU A 334 -3.47 -19.27 17.57
N PRO A 335 -3.25 -20.17 18.53
CA PRO A 335 -3.09 -21.59 18.18
C PRO A 335 -4.33 -22.16 17.51
N GLY A 336 -4.11 -23.08 16.57
CA GLY A 336 -5.19 -23.72 15.86
C GLY A 336 -5.64 -22.93 14.65
N ASP A 337 -6.57 -23.53 13.92
CA ASP A 337 -7.17 -22.88 12.75
C ASP A 337 -8.37 -22.03 13.16
N THR A 338 -8.15 -21.15 14.14
CA THR A 338 -9.22 -20.27 14.61
C THR A 338 -9.54 -19.19 13.59
N GLY A 339 -8.55 -18.75 12.83
CA GLY A 339 -8.74 -17.74 11.82
C GLY A 339 -8.49 -16.31 12.25
N PHE A 340 -8.17 -16.08 13.52
CA PHE A 340 -7.97 -14.74 14.04
C PHE A 340 -6.73 -14.70 14.91
N GLY A 341 -6.26 -13.48 15.19
CA GLY A 341 -5.10 -13.28 16.02
C GLY A 341 -5.20 -12.05 16.92
N THR A 342 -4.08 -11.35 17.10
CA THR A 342 -4.03 -10.16 17.93
C THR A 342 -3.05 -9.18 17.32
N ILE A 343 -3.24 -7.90 17.62
CA ILE A 343 -2.36 -6.83 17.14
C ILE A 343 -1.65 -6.23 18.34
N PHE A 344 -0.33 -6.09 18.23
CA PHE A 344 0.48 -5.45 19.25
C PHE A 344 1.13 -4.20 18.68
N THR A 345 1.38 -3.22 19.54
CA THR A 345 2.07 -2.00 19.17
C THR A 345 3.30 -1.83 20.04
N SER A 346 4.39 -1.36 19.44
CA SER A 346 5.67 -1.28 20.11
C SER A 346 5.98 0.16 20.54
N ASP A 347 7.07 0.30 21.29
CA ASP A 347 7.61 1.60 21.61
C ASP A 347 8.64 1.97 20.54
N ASP A 348 9.36 3.08 20.75
CA ASP A 348 10.32 3.54 19.75
C ASP A 348 11.55 2.65 19.65
N ARG A 349 11.75 1.73 20.60
CA ARG A 349 12.86 0.79 20.51
C ARG A 349 12.48 -0.52 19.83
N GLY A 350 11.19 -0.82 19.72
CA GLY A 350 10.75 -2.07 19.15
C GLY A 350 10.90 -3.27 20.05
N ILE A 351 10.99 -3.07 21.35
CA ILE A 351 11.24 -4.15 22.31
C ILE A 351 9.99 -4.49 23.11
N VAL A 352 9.35 -3.49 23.70
CA VAL A 352 8.18 -3.71 24.54
C VAL A 352 6.92 -3.56 23.70
N TYR A 353 6.03 -4.55 23.77
CA TYR A 353 4.80 -4.58 22.99
C TYR A 353 3.60 -4.64 23.91
N SER A 354 2.52 -3.99 23.51
CA SER A 354 1.28 -3.95 24.27
C SER A 354 0.12 -4.39 23.38
N LYS A 355 -0.76 -5.20 23.95
CA LYS A 355 -1.91 -5.71 23.20
C LYS A 355 -2.79 -4.56 22.74
N SER A 356 -3.20 -4.60 21.47
CA SER A 356 -3.93 -3.51 20.85
C SER A 356 -5.36 -3.90 20.47
N LEU A 357 -5.53 -4.94 19.66
CA LEU A 357 -6.84 -5.34 19.17
C LEU A 357 -6.93 -6.86 19.20
N ASP A 358 -8.02 -7.38 19.75
CA ASP A 358 -8.22 -8.81 19.88
C ASP A 358 -9.15 -9.32 18.78
N ARG A 359 -8.95 -10.58 18.40
CA ARG A 359 -9.75 -11.24 17.37
C ARG A 359 -9.59 -10.55 16.01
N HIS A 360 -8.40 -10.05 15.73
CA HIS A 360 -8.11 -9.51 14.41
C HIS A 360 -8.30 -10.60 13.36
N LEU A 361 -8.88 -10.22 12.22
CA LEU A 361 -9.24 -11.17 11.18
C LEU A 361 -8.08 -11.33 10.21
N TYR A 362 -7.49 -12.52 10.18
CA TYR A 362 -6.37 -12.83 9.30
C TYR A 362 -6.53 -14.25 8.81
N THR A 363 -6.70 -14.42 7.49
CA THR A 363 -7.04 -15.73 6.95
C THR A 363 -5.95 -16.76 7.24
N THR A 364 -4.76 -16.56 6.68
CA THR A 364 -3.67 -17.51 6.84
C THR A 364 -2.36 -16.79 6.54
N THR A 365 -1.25 -17.53 6.65
CA THR A 365 0.06 -16.91 6.49
C THR A 365 0.18 -16.18 5.16
N GLY A 366 -0.34 -16.78 4.09
CA GLY A 366 -0.39 -16.12 2.80
C GLY A 366 -1.81 -15.69 2.48
N GLY A 367 -2.55 -15.31 3.51
CA GLY A 367 -3.96 -14.97 3.39
C GLY A 367 -4.19 -13.49 3.15
N GLU A 368 -5.36 -13.03 3.59
CA GLU A 368 -5.80 -11.67 3.37
C GLU A 368 -6.19 -11.03 4.69
N THR A 369 -5.95 -9.72 4.79
CA THR A 369 -6.32 -8.95 5.97
C THR A 369 -6.87 -7.60 5.52
N ASP A 370 -7.72 -7.02 6.36
CA ASP A 370 -8.36 -5.75 6.07
C ASP A 370 -7.62 -4.55 6.64
N PHE A 371 -6.45 -4.75 7.25
CA PHE A 371 -5.72 -3.64 7.85
C PHE A 371 -5.40 -2.59 6.80
N THR A 372 -5.66 -1.32 7.13
CA THR A 372 -5.46 -0.22 6.20
C THR A 372 -4.95 0.99 6.95
N ASN A 373 -3.99 1.70 6.36
CA ASN A 373 -3.46 2.95 6.89
C ASN A 373 -4.14 4.09 6.14
N VAL A 374 -4.99 4.84 6.84
CA VAL A 374 -5.67 5.99 6.25
C VAL A 374 -4.63 7.12 6.16
N THR A 375 -4.04 7.29 4.98
CA THR A 375 -2.95 8.23 4.80
C THR A 375 -3.42 9.68 4.71
N SER A 376 -4.73 9.91 4.56
CA SER A 376 -5.23 11.28 4.48
C SER A 376 -5.05 12.02 5.79
N LEU A 377 -5.25 11.35 6.92
CA LEU A 377 -5.21 11.98 8.23
C LEU A 377 -4.25 11.23 9.14
N ARG A 378 -3.78 11.93 10.17
CA ARG A 378 -2.69 11.43 11.01
C ARG A 378 -3.21 10.45 12.05
N GLY A 379 -2.57 9.28 12.12
CA GLY A 379 -2.88 8.29 13.14
C GLY A 379 -4.25 7.66 13.04
N VAL A 380 -4.70 7.35 11.83
CA VAL A 380 -6.01 6.73 11.61
C VAL A 380 -5.80 5.43 10.84
N TYR A 381 -6.39 4.35 11.34
CA TYR A 381 -6.30 3.04 10.70
C TYR A 381 -7.65 2.35 10.78
N ILE A 382 -7.89 1.45 9.83
CA ILE A 382 -9.13 0.69 9.76
C ILE A 382 -8.78 -0.78 9.58
N THR A 383 -9.56 -1.65 10.25
CA THR A 383 -9.35 -3.09 10.14
C THR A 383 -10.67 -3.79 10.44
N SER A 384 -10.66 -5.12 10.34
CA SER A 384 -11.83 -5.94 10.57
C SER A 384 -11.58 -6.88 11.75
N VAL A 385 -12.66 -7.20 12.48
CA VAL A 385 -12.59 -8.10 13.61
C VAL A 385 -13.69 -9.15 13.46
N LEU A 386 -13.56 -10.22 14.21
CA LEU A 386 -14.53 -11.31 14.23
C LEU A 386 -15.26 -11.28 15.56
N SER A 387 -16.58 -11.13 15.51
CA SER A 387 -17.36 -11.00 16.72
C SER A 387 -17.59 -12.36 17.36
N GLU A 388 -18.11 -12.33 18.59
CA GLU A 388 -18.38 -13.57 19.32
C GLU A 388 -19.37 -14.47 18.59
N ASP A 389 -20.18 -13.91 17.70
CA ASP A 389 -21.18 -14.66 16.96
C ASP A 389 -20.73 -15.04 15.55
N ASN A 390 -19.43 -14.89 15.25
CA ASN A 390 -18.89 -15.22 13.94
C ASN A 390 -19.49 -14.34 12.85
N SER A 391 -19.44 -13.03 13.08
CA SER A 391 -19.87 -12.04 12.10
C SER A 391 -18.76 -11.01 11.95
N ILE A 392 -18.37 -10.74 10.69
CA ILE A 392 -17.27 -9.83 10.44
C ILE A 392 -17.72 -8.40 10.70
N GLN A 393 -16.89 -7.65 11.41
CA GLN A 393 -17.20 -6.26 11.76
C GLN A 393 -15.95 -5.42 11.58
N THR A 394 -16.15 -4.11 11.48
CA THR A 394 -15.08 -3.16 11.18
C THR A 394 -14.83 -2.26 12.38
N MET A 395 -13.57 -1.88 12.56
CA MET A 395 -13.14 -1.01 13.66
C MET A 395 -12.25 0.09 13.11
N ILE A 396 -12.20 1.22 13.84
CA ILE A 396 -11.38 2.36 13.46
C ILE A 396 -10.72 2.92 14.70
N THR A 397 -9.46 3.34 14.56
CA THR A 397 -8.72 3.99 15.63
C THR A 397 -8.19 5.33 15.14
N PHE A 398 -8.24 6.33 16.02
CA PHE A 398 -7.68 7.64 15.74
C PHE A 398 -6.47 7.97 16.59
N ASP A 399 -6.12 7.11 17.54
CA ASP A 399 -5.00 7.33 18.46
C ASP A 399 -3.76 6.55 18.06
N GLN A 400 -3.72 5.98 16.86
CA GLN A 400 -2.59 5.16 16.42
C GLN A 400 -2.53 3.86 17.20
N GLY A 401 -3.68 3.23 17.42
CA GLY A 401 -3.76 1.98 18.14
C GLY A 401 -4.15 2.09 19.59
N GLY A 402 -4.33 3.31 20.12
CA GLY A 402 -4.71 3.44 21.51
C GLY A 402 -6.08 2.86 21.80
N ARG A 403 -7.06 3.18 20.96
CA ARG A 403 -8.43 2.71 21.14
C ARG A 403 -9.05 2.42 19.79
N TRP A 404 -10.05 1.53 19.80
CA TRP A 404 -10.78 1.14 18.61
C TRP A 404 -12.27 1.24 18.88
N THR A 405 -13.03 1.67 17.86
CA THR A 405 -14.47 1.82 18.00
C THR A 405 -15.12 1.57 16.64
N HIS A 406 -16.43 1.31 16.68
CA HIS A 406 -17.18 1.08 15.45
C HIS A 406 -17.33 2.39 14.67
N LEU A 407 -17.49 2.26 13.36
CA LEU A 407 -17.71 3.44 12.53
C LEU A 407 -19.06 4.06 12.86
N ARG A 408 -19.17 5.36 12.63
CA ARG A 408 -20.39 6.08 12.92
C ARG A 408 -21.37 5.96 11.76
N LYS A 409 -22.64 5.70 12.09
CA LYS A 409 -23.65 5.49 11.06
C LYS A 409 -23.84 6.78 10.25
N PRO A 410 -24.11 6.66 8.95
CA PRO A 410 -24.47 7.86 8.18
C PRO A 410 -25.70 8.54 8.76
N GLU A 411 -25.71 9.87 8.67
CA GLU A 411 -26.74 10.65 9.37
C GLU A 411 -28.14 10.27 8.91
N ASN A 412 -28.34 10.11 7.60
CA ASN A 412 -29.64 9.79 7.01
C ASN A 412 -29.53 8.44 6.32
N SER A 413 -29.77 7.37 7.07
CA SER A 413 -29.69 6.02 6.52
C SER A 413 -30.57 5.10 7.35
N GLU A 414 -30.88 3.95 6.77
CA GLU A 414 -31.70 2.93 7.42
C GLU A 414 -30.91 1.64 7.54
N CYS A 415 -30.99 1.02 8.71
CA CYS A 415 -30.26 -0.23 8.94
C CYS A 415 -30.82 -1.34 8.06
N ASP A 416 -29.92 -2.23 7.64
CA ASP A 416 -30.29 -3.34 6.77
C ASP A 416 -30.84 -4.50 7.61
N ALA A 417 -31.09 -5.64 6.98
CA ALA A 417 -31.68 -6.78 7.67
C ALA A 417 -30.77 -7.34 8.75
N THR A 418 -29.45 -7.11 8.65
CA THR A 418 -28.54 -7.62 9.67
C THR A 418 -28.82 -7.01 11.03
N ALA A 419 -29.11 -5.72 11.08
CA ALA A 419 -29.30 -5.04 12.35
C ALA A 419 -30.54 -5.56 13.07
N LYS A 420 -30.42 -5.72 14.38
CA LYS A 420 -31.52 -6.17 15.22
C LYS A 420 -32.44 -5.03 15.62
N ASN A 421 -31.87 -3.86 15.91
CA ASN A 421 -32.63 -2.67 16.27
C ASN A 421 -32.46 -1.63 15.16
N LYS A 422 -33.57 -1.23 14.55
CA LYS A 422 -33.50 -0.32 13.41
C LYS A 422 -33.07 1.08 13.80
N ASN A 423 -33.03 1.40 15.10
CA ASN A 423 -32.49 2.66 15.59
C ASN A 423 -31.07 2.52 16.10
N GLU A 424 -30.38 1.45 15.71
CA GLU A 424 -29.02 1.19 16.21
C GLU A 424 -28.30 0.32 15.18
N CYS A 425 -27.30 0.89 14.52
CA CYS A 425 -26.45 0.15 13.60
C CYS A 425 -25.28 1.04 13.23
N SER A 426 -24.30 0.45 12.54
CA SER A 426 -23.09 1.16 12.16
C SER A 426 -22.66 0.72 10.76
N LEU A 427 -21.83 1.56 10.14
CA LEU A 427 -21.32 1.26 8.82
C LEU A 427 -20.25 0.18 8.87
N HIS A 428 -20.19 -0.65 7.83
CA HIS A 428 -19.18 -1.68 7.71
C HIS A 428 -18.65 -1.67 6.28
N ILE A 429 -17.32 -1.76 6.15
CA ILE A 429 -16.63 -1.50 4.89
C ILE A 429 -16.10 -2.82 4.33
N HIS A 430 -16.43 -3.10 3.08
CA HIS A 430 -15.82 -4.22 2.37
C HIS A 430 -14.37 -3.90 2.02
N ALA A 431 -13.53 -4.93 2.04
CA ALA A 431 -12.10 -4.74 1.85
C ALA A 431 -11.54 -5.98 1.17
N SER A 432 -10.21 -6.14 1.24
CA SER A 432 -9.54 -7.23 0.53
C SER A 432 -10.15 -8.59 0.89
N TYR A 433 -10.55 -8.77 2.15
CA TYR A 433 -11.15 -10.04 2.54
C TYR A 433 -12.42 -10.31 1.75
N SER A 434 -13.27 -9.28 1.59
CA SER A 434 -14.50 -9.46 0.82
C SER A 434 -14.20 -9.76 -0.64
N ILE A 435 -13.17 -9.12 -1.20
CA ILE A 435 -12.74 -9.44 -2.55
C ILE A 435 -12.34 -10.91 -2.65
N SER A 436 -11.66 -11.42 -1.62
CA SER A 436 -11.21 -12.81 -1.62
C SER A 436 -12.38 -13.79 -1.65
N GLN A 437 -13.58 -13.35 -1.28
CA GLN A 437 -14.74 -14.23 -1.22
C GLN A 437 -15.59 -14.18 -2.48
N LYS A 438 -15.10 -13.52 -3.53
CA LYS A 438 -15.82 -13.44 -4.81
C LYS A 438 -17.15 -12.70 -4.64
N LEU A 439 -17.04 -11.48 -4.14
CA LEU A 439 -18.18 -10.59 -3.94
C LEU A 439 -18.07 -9.38 -4.86
N ASN A 440 -19.15 -8.60 -4.90
CA ASN A 440 -19.26 -7.47 -5.83
C ASN A 440 -18.64 -6.22 -5.19
N VAL A 441 -17.33 -6.30 -4.96
CA VAL A 441 -16.55 -5.22 -4.36
C VAL A 441 -15.34 -4.95 -5.24
N PRO A 442 -15.48 -4.19 -6.32
CA PRO A 442 -14.36 -4.05 -7.27
C PRO A 442 -13.09 -3.46 -6.66
N MET A 443 -13.19 -2.56 -5.68
CA MET A 443 -12.03 -1.84 -5.17
C MET A 443 -11.99 -1.91 -3.65
N ALA A 444 -10.97 -1.26 -3.08
CA ALA A 444 -10.75 -1.19 -1.63
C ALA A 444 -10.67 0.28 -1.21
N PRO A 445 -10.56 0.58 0.08
CA PRO A 445 -10.54 1.99 0.50
C PRO A 445 -9.42 2.77 -0.17
N LEU A 446 -9.72 4.02 -0.51
CA LEU A 446 -8.81 4.88 -1.26
C LEU A 446 -8.58 6.17 -0.50
N SER A 447 -7.31 6.55 -0.34
CA SER A 447 -6.94 7.79 0.35
C SER A 447 -5.56 8.20 -0.13
N GLU A 448 -5.36 9.52 -0.22
CA GLU A 448 -4.11 10.08 -0.70
C GLU A 448 -3.55 11.05 0.33
N PRO A 449 -2.22 11.09 0.52
CA PRO A 449 -1.66 12.04 1.49
C PRO A 449 -1.98 13.49 1.19
N ASN A 450 -2.01 13.89 -0.08
CA ASN A 450 -2.22 15.29 -0.44
C ASN A 450 -3.69 15.69 -0.54
N ALA A 451 -4.60 14.73 -0.42
CA ALA A 451 -6.03 15.01 -0.30
C ALA A 451 -6.39 14.82 1.17
N VAL A 452 -6.66 15.93 1.86
CA VAL A 452 -6.79 15.92 3.31
C VAL A 452 -8.19 15.46 3.70
N GLY A 453 -8.26 14.39 4.48
CA GLY A 453 -9.51 13.94 5.06
C GLY A 453 -10.50 13.33 4.09
N ILE A 454 -10.05 12.82 2.95
CA ILE A 454 -10.94 12.23 1.96
C ILE A 454 -10.67 10.73 1.93
N VAL A 455 -11.74 9.94 2.15
CA VAL A 455 -11.67 8.49 2.12
C VAL A 455 -12.90 7.98 1.39
N ILE A 456 -12.71 7.04 0.47
CA ILE A 456 -13.79 6.46 -0.31
C ILE A 456 -13.69 4.94 -0.21
N ALA A 457 -14.83 4.29 0.00
CA ALA A 457 -14.85 2.83 0.12
C ALA A 457 -16.27 2.32 -0.12
N HIS A 458 -16.35 1.03 -0.45
CA HIS A 458 -17.63 0.35 -0.53
C HIS A 458 -18.09 -0.06 0.86
N GLY A 459 -19.40 0.09 1.13
CA GLY A 459 -19.90 -0.23 2.45
C GLY A 459 -21.40 -0.48 2.44
N SER A 460 -21.86 -1.03 3.57
CA SER A 460 -23.27 -1.29 3.79
C SER A 460 -23.58 -1.09 5.27
N VAL A 461 -24.78 -0.60 5.56
CA VAL A 461 -25.18 -0.27 6.92
C VAL A 461 -25.83 -1.47 7.57
N GLY A 462 -25.35 -1.85 8.74
CA GLY A 462 -25.91 -2.99 9.46
C GLY A 462 -25.01 -3.38 10.61
N ASP A 463 -25.35 -4.51 11.23
CA ASP A 463 -24.60 -5.05 12.35
C ASP A 463 -23.48 -6.00 11.93
N ALA A 464 -23.24 -6.14 10.62
CA ALA A 464 -22.16 -6.98 10.13
C ALA A 464 -22.07 -6.77 8.62
N ILE A 465 -20.89 -7.09 8.07
CA ILE A 465 -20.69 -6.94 6.63
C ILE A 465 -21.73 -7.77 5.90
N SER A 466 -22.61 -7.10 5.16
CA SER A 466 -23.72 -7.76 4.48
C SER A 466 -23.22 -8.48 3.23
N VAL A 467 -24.09 -9.35 2.69
CA VAL A 467 -23.76 -10.16 1.53
C VAL A 467 -24.59 -9.73 0.34
N MET A 468 -24.99 -8.46 0.31
CA MET A 468 -25.75 -7.89 -0.79
C MET A 468 -24.89 -6.88 -1.55
N VAL A 469 -25.46 -6.31 -2.59
CA VAL A 469 -24.70 -5.38 -3.44
C VAL A 469 -24.34 -4.15 -2.62
N PRO A 470 -23.07 -3.75 -2.56
CA PRO A 470 -22.68 -2.61 -1.73
C PRO A 470 -22.99 -1.28 -2.42
N ASP A 471 -22.80 -0.21 -1.66
CA ASP A 471 -22.84 1.16 -2.16
C ASP A 471 -21.46 1.78 -1.92
N VAL A 472 -21.35 3.07 -2.20
CA VAL A 472 -20.08 3.78 -2.08
C VAL A 472 -20.28 4.96 -1.13
N TYR A 473 -19.39 5.07 -0.14
CA TYR A 473 -19.47 6.11 0.88
C TYR A 473 -18.20 6.95 0.86
N ILE A 474 -18.32 8.18 1.34
CA ILE A 474 -17.21 9.13 1.36
C ILE A 474 -17.20 9.86 2.69
N SER A 475 -16.00 10.09 3.23
CA SER A 475 -15.80 10.88 4.43
C SER A 475 -14.85 12.01 4.12
N ASP A 476 -15.21 13.24 4.51
CA ASP A 476 -14.41 14.42 4.23
C ASP A 476 -13.67 14.93 5.47
N ASP A 477 -13.66 14.17 6.56
CA ASP A 477 -12.94 14.57 7.77
C ASP A 477 -12.21 13.38 8.38
N GLY A 478 -11.61 12.54 7.54
CA GLY A 478 -10.69 11.52 7.99
C GLY A 478 -11.33 10.21 8.39
N GLY A 479 -12.64 10.17 8.61
CA GLY A 479 -13.30 8.95 9.01
C GLY A 479 -14.24 9.12 10.18
N TYR A 480 -14.42 10.35 10.64
CA TYR A 480 -15.33 10.61 11.75
C TYR A 480 -16.78 10.45 11.32
N SER A 481 -17.15 11.02 10.18
CA SER A 481 -18.51 10.95 9.67
C SER A 481 -18.49 10.51 8.22
N TRP A 482 -19.54 9.80 7.82
CA TRP A 482 -19.65 9.25 6.47
C TRP A 482 -21.00 9.65 5.88
N THR A 483 -21.06 9.65 4.56
CA THR A 483 -22.30 9.88 3.82
C THR A 483 -22.27 9.06 2.55
N LYS A 484 -23.45 8.70 2.06
CA LYS A 484 -23.54 7.86 0.87
C LYS A 484 -23.28 8.69 -0.37
N MET A 485 -22.34 8.23 -1.19
CA MET A 485 -21.90 8.96 -2.37
C MET A 485 -22.65 8.53 -3.63
N LEU A 486 -22.69 7.24 -3.90
CA LEU A 486 -23.30 6.71 -5.11
C LEU A 486 -23.95 5.38 -4.81
N GLU A 487 -24.88 4.99 -5.67
CA GLU A 487 -25.65 3.76 -5.51
C GLU A 487 -25.08 2.67 -6.41
N GLY A 488 -24.66 1.56 -5.81
CA GLY A 488 -24.11 0.46 -6.55
C GLY A 488 -22.60 0.55 -6.64
N PRO A 489 -21.95 -0.58 -6.91
CA PRO A 489 -20.48 -0.58 -6.99
C PRO A 489 -19.97 0.33 -8.10
N HIS A 490 -18.84 0.98 -7.84
CA HIS A 490 -18.24 1.90 -8.80
C HIS A 490 -16.72 1.79 -8.71
N TYR A 491 -16.05 2.30 -9.74
CA TYR A 491 -14.61 2.51 -9.73
C TYR A 491 -14.34 4.00 -9.56
N TYR A 492 -13.50 4.36 -8.61
CA TYR A 492 -13.27 5.75 -8.25
C TYR A 492 -11.79 6.08 -8.27
N THR A 493 -11.49 7.35 -8.53
CA THR A 493 -10.12 7.85 -8.57
C THR A 493 -10.13 9.33 -8.22
N ILE A 494 -9.06 9.79 -7.57
CA ILE A 494 -8.92 11.18 -7.13
C ILE A 494 -7.88 11.85 -8.03
N LEU A 495 -8.24 13.00 -8.59
CA LEU A 495 -7.38 13.74 -9.50
C LEU A 495 -7.09 15.12 -8.92
N ASP A 496 -5.86 15.60 -9.15
CA ASP A 496 -5.48 16.96 -8.80
C ASP A 496 -5.67 17.23 -7.31
N SER A 497 -5.10 16.36 -6.48
CA SER A 497 -5.06 16.56 -5.03
C SER A 497 -6.46 16.88 -4.48
N GLY A 498 -7.43 16.09 -4.90
CA GLY A 498 -8.79 16.25 -4.43
C GLY A 498 -9.60 17.32 -5.16
N GLY A 499 -9.04 17.92 -6.20
CA GLY A 499 -9.79 18.91 -6.97
C GLY A 499 -10.87 18.31 -7.84
N ILE A 500 -10.75 17.03 -8.20
CA ILE A 500 -11.76 16.34 -8.99
C ILE A 500 -11.75 14.88 -8.59
N ILE A 501 -12.94 14.28 -8.54
CA ILE A 501 -13.13 12.85 -8.29
C ILE A 501 -13.98 12.29 -9.42
N VAL A 502 -13.57 11.14 -9.96
CA VAL A 502 -14.27 10.53 -11.07
C VAL A 502 -14.74 9.14 -10.65
N ALA A 503 -15.88 8.72 -11.20
CA ALA A 503 -16.48 7.43 -10.88
C ALA A 503 -16.94 6.74 -12.18
N ILE A 504 -16.73 5.43 -12.24
CA ILE A 504 -17.14 4.60 -13.37
C ILE A 504 -17.98 3.45 -12.83
N GLU A 505 -19.10 3.18 -13.49
CA GLU A 505 -19.96 2.08 -13.09
C GLU A 505 -19.23 0.75 -13.26
N HIS A 506 -19.56 -0.21 -12.39
CA HIS A 506 -19.02 -1.56 -12.44
C HIS A 506 -20.17 -2.53 -12.71
N SER A 507 -20.39 -2.84 -13.98
CA SER A 507 -21.50 -3.68 -14.40
C SER A 507 -20.99 -4.78 -15.33
N SER A 508 -21.88 -5.72 -15.64
CA SER A 508 -21.59 -6.81 -16.56
C SER A 508 -21.94 -6.48 -18.00
N ARG A 509 -22.36 -5.24 -18.26
CA ARG A 509 -22.75 -4.79 -19.59
C ARG A 509 -21.91 -3.59 -20.01
N PRO A 510 -21.86 -3.29 -21.31
CA PRO A 510 -21.06 -2.16 -21.77
C PRO A 510 -21.51 -0.85 -21.13
N ILE A 511 -20.53 0.03 -20.87
CA ILE A 511 -20.77 1.33 -20.27
C ILE A 511 -20.07 2.39 -21.12
N ASN A 512 -20.73 3.53 -21.32
CA ASN A 512 -20.17 4.63 -22.08
C ASN A 512 -20.45 5.96 -21.40
N VAL A 513 -20.29 6.01 -20.07
CA VAL A 513 -20.55 7.22 -19.30
C VAL A 513 -19.59 7.27 -18.13
N ILE A 514 -19.14 8.48 -17.79
CA ILE A 514 -18.28 8.72 -16.65
C ILE A 514 -18.84 9.89 -15.85
N LYS A 515 -18.72 9.81 -14.53
CA LYS A 515 -19.22 10.84 -13.63
C LYS A 515 -18.06 11.52 -12.91
N PHE A 516 -18.13 12.84 -12.77
CA PHE A 516 -17.11 13.60 -12.07
C PHE A 516 -17.80 14.61 -11.15
N SER A 517 -17.09 15.01 -10.10
CA SER A 517 -17.61 15.93 -9.11
C SER A 517 -16.53 16.91 -8.68
N THR A 518 -16.90 18.18 -8.59
CA THR A 518 -16.00 19.22 -8.12
C THR A 518 -16.30 19.69 -6.70
N ASP A 519 -17.44 19.30 -6.13
CA ASP A 519 -17.81 19.65 -4.76
C ASP A 519 -17.20 18.70 -3.73
N GLU A 520 -16.23 17.88 -4.13
CA GLU A 520 -15.59 16.92 -3.23
C GLU A 520 -16.55 15.81 -2.82
N GLY A 521 -17.40 15.39 -3.74
CA GLY A 521 -18.28 14.26 -3.53
C GLY A 521 -19.68 14.60 -3.11
N GLN A 522 -20.21 15.77 -3.49
CA GLN A 522 -21.57 16.17 -3.15
C GLN A 522 -22.50 16.11 -4.35
N CYS A 523 -22.09 16.70 -5.48
CA CYS A 523 -22.89 16.72 -6.69
C CYS A 523 -22.07 16.13 -7.83
N TRP A 524 -22.74 15.37 -8.71
CA TRP A 524 -22.09 14.63 -9.78
C TRP A 524 -22.70 15.01 -11.12
N GLN A 525 -21.90 14.88 -12.18
CA GLN A 525 -22.32 15.18 -13.53
C GLN A 525 -21.82 14.09 -14.47
N THR A 526 -22.63 13.73 -15.46
CA THR A 526 -22.33 12.63 -16.36
C THR A 526 -21.83 13.16 -17.70
N TYR A 527 -20.90 12.42 -18.30
CA TYR A 527 -20.34 12.76 -19.61
C TYR A 527 -20.22 11.48 -20.44
N THR A 528 -20.76 11.50 -21.65
CA THR A 528 -20.74 10.36 -22.55
C THR A 528 -19.52 10.47 -23.45
N PHE A 529 -18.53 9.59 -23.24
CA PHE A 529 -17.23 9.74 -23.88
C PHE A 529 -17.06 8.89 -25.13
N THR A 530 -18.08 8.16 -25.56
CA THR A 530 -17.93 7.32 -26.74
C THR A 530 -19.30 7.01 -27.33
N ARG A 531 -19.29 6.64 -28.61
CA ARG A 531 -20.50 6.21 -29.29
C ARG A 531 -20.71 4.71 -29.24
N ASP A 532 -19.63 3.92 -29.22
CA ASP A 532 -19.73 2.48 -29.15
C ASP A 532 -19.41 2.03 -27.74
N PRO A 533 -20.37 1.52 -26.97
CA PRO A 533 -20.08 1.07 -25.61
C PRO A 533 -19.01 -0.02 -25.60
N ILE A 534 -18.18 0.01 -24.57
CA ILE A 534 -17.08 -0.94 -24.41
C ILE A 534 -17.28 -1.70 -23.10
N TYR A 535 -16.54 -2.80 -22.97
CA TYR A 535 -16.50 -3.57 -21.73
C TYR A 535 -15.36 -3.03 -20.88
N PHE A 536 -15.69 -2.30 -19.82
CA PHE A 536 -14.68 -1.65 -19.01
C PHE A 536 -13.79 -2.68 -18.33
N THR A 537 -12.50 -2.35 -18.23
CA THR A 537 -11.50 -3.23 -17.64
C THR A 537 -10.74 -2.60 -16.48
N GLY A 538 -10.42 -1.31 -16.56
CA GLY A 538 -9.74 -0.65 -15.47
C GLY A 538 -9.32 0.77 -15.79
N LEU A 539 -9.07 1.57 -14.75
CA LEU A 539 -8.62 2.94 -14.87
C LEU A 539 -7.12 3.03 -14.62
N ALA A 540 -6.50 4.08 -15.16
CA ALA A 540 -5.09 4.32 -14.97
C ALA A 540 -4.84 5.82 -14.82
N SER A 541 -3.99 6.19 -13.87
CA SER A 541 -3.63 7.57 -13.65
C SER A 541 -2.24 7.62 -13.04
N GLU A 542 -1.58 8.77 -13.20
CA GLU A 542 -0.23 8.91 -12.69
C GLU A 542 -0.24 8.84 -11.17
N PRO A 543 0.69 8.11 -10.57
CA PRO A 543 0.72 8.02 -9.10
C PRO A 543 0.93 9.39 -8.47
N GLY A 544 0.39 9.55 -7.26
CA GLY A 544 0.49 10.79 -6.52
C GLY A 544 -0.76 11.61 -6.48
N ALA A 545 -1.78 11.27 -7.28
CA ALA A 545 -3.05 12.00 -7.30
C ALA A 545 -2.81 13.49 -7.50
N ARG A 546 -1.91 13.81 -8.44
CA ARG A 546 -1.51 15.18 -8.69
C ARG A 546 -1.70 15.60 -10.14
N SER A 547 -2.14 14.69 -11.01
CA SER A 547 -2.31 14.97 -12.42
C SER A 547 -3.76 15.31 -12.73
N MET A 548 -4.04 15.56 -14.01
CA MET A 548 -5.39 15.80 -14.49
C MET A 548 -5.72 14.95 -15.71
N ASN A 549 -5.02 13.84 -15.90
CA ASN A 549 -5.25 12.92 -17.00
C ASN A 549 -5.74 11.59 -16.45
N ILE A 550 -6.78 11.03 -17.08
CA ILE A 550 -7.35 9.76 -16.66
C ILE A 550 -7.52 8.89 -17.91
N SER A 551 -7.07 7.64 -17.83
CA SER A 551 -7.16 6.69 -18.92
C SER A 551 -8.18 5.60 -18.59
N ILE A 552 -9.06 5.31 -19.54
CA ILE A 552 -10.11 4.31 -19.39
C ILE A 552 -9.79 3.16 -20.33
N TRP A 553 -9.67 1.96 -19.78
CA TRP A 553 -9.28 0.78 -20.54
C TRP A 553 -10.48 -0.16 -20.71
N GLY A 554 -10.60 -0.75 -21.88
CA GLY A 554 -11.67 -1.70 -22.14
C GLY A 554 -11.52 -2.27 -23.53
N PHE A 555 -12.39 -3.23 -23.83
CA PHE A 555 -12.41 -3.90 -25.12
C PHE A 555 -13.84 -3.98 -25.64
N THR A 556 -13.97 -3.93 -26.96
CA THR A 556 -15.26 -4.05 -27.64
C THR A 556 -15.21 -5.20 -28.61
N GLU A 557 -16.25 -6.03 -28.60
CA GLU A 557 -16.30 -7.21 -29.45
C GLU A 557 -17.67 -7.32 -30.09
N SER A 558 -17.69 -7.72 -31.37
CA SER A 558 -18.92 -7.99 -32.10
C SER A 558 -19.05 -9.46 -32.45
N PHE A 559 -18.05 -10.02 -33.14
CA PHE A 559 -18.02 -11.45 -33.43
C PHE A 559 -16.55 -11.85 -33.56
N LEU A 560 -15.97 -12.32 -32.46
CA LEU A 560 -14.56 -12.71 -32.39
C LEU A 560 -13.62 -11.56 -32.69
N THR A 561 -14.12 -10.33 -32.74
CA THR A 561 -13.33 -9.16 -33.10
C THR A 561 -12.96 -8.31 -31.89
N SER A 562 -12.78 -8.95 -30.73
CA SER A 562 -12.37 -8.21 -29.54
C SER A 562 -11.03 -7.53 -29.79
N GLN A 563 -10.89 -6.32 -29.26
CA GLN A 563 -9.70 -5.52 -29.53
C GLN A 563 -9.58 -4.43 -28.47
N TRP A 564 -8.43 -4.38 -27.79
CA TRP A 564 -8.24 -3.42 -26.72
C TRP A 564 -8.44 -2.00 -27.22
N VAL A 565 -9.03 -1.16 -26.39
CA VAL A 565 -9.17 0.27 -26.67
C VAL A 565 -8.90 1.03 -25.37
N SER A 566 -8.59 2.31 -25.50
CA SER A 566 -8.43 3.17 -24.34
C SER A 566 -8.79 4.60 -24.71
N TYR A 567 -9.31 5.33 -23.73
CA TYR A 567 -9.67 6.74 -23.87
C TYR A 567 -8.98 7.54 -22.77
N THR A 568 -8.41 8.68 -23.13
CA THR A 568 -7.77 9.58 -22.18
C THR A 568 -8.46 10.93 -22.24
N ILE A 569 -8.87 11.42 -21.08
CA ILE A 569 -9.61 12.67 -20.95
C ILE A 569 -8.78 13.65 -20.14
N ASP A 570 -8.69 14.89 -20.61
CA ASP A 570 -7.94 15.94 -19.95
C ASP A 570 -8.91 16.99 -19.44
N PHE A 571 -8.88 17.25 -18.14
CA PHE A 571 -9.80 18.19 -17.48
C PHE A 571 -9.21 19.59 -17.38
N LYS A 572 -8.34 19.99 -18.31
CA LYS A 572 -7.67 21.28 -18.19
C LYS A 572 -8.60 22.45 -18.47
N ASP A 573 -9.71 22.23 -19.18
CA ASP A 573 -10.65 23.30 -19.46
C ASP A 573 -11.80 23.36 -18.46
N ILE A 574 -11.92 22.40 -17.56
CA ILE A 574 -12.90 22.50 -16.48
C ILE A 574 -12.34 23.34 -15.34
N LEU A 575 -11.09 23.06 -14.93
CA LEU A 575 -10.41 23.82 -13.89
C LEU A 575 -9.50 24.87 -14.53
N GLU A 576 -10.13 25.84 -15.20
CA GLU A 576 -9.36 26.80 -15.96
C GLU A 576 -8.55 27.72 -15.06
N ARG A 577 -9.17 28.28 -14.03
CA ARG A 577 -8.53 29.29 -13.20
C ARG A 577 -7.64 28.65 -12.15
N ASN A 578 -6.54 29.34 -11.83
CA ASN A 578 -5.60 28.89 -10.81
C ASN A 578 -6.06 29.36 -9.43
N CYS A 579 -5.97 28.48 -8.46
CA CYS A 579 -6.43 28.79 -7.11
C CYS A 579 -5.67 29.99 -6.55
N GLU A 580 -6.39 30.89 -5.91
CA GLU A 580 -5.82 32.07 -5.30
C GLU A 580 -5.72 31.87 -3.78
N GLU A 581 -5.33 32.94 -3.08
CA GLU A 581 -5.27 32.89 -1.62
C GLU A 581 -6.65 32.96 -0.97
N LYS A 582 -7.67 33.39 -1.72
CA LYS A 582 -9.01 33.55 -1.18
C LYS A 582 -9.87 32.30 -1.32
N ASP A 583 -9.33 31.23 -1.90
CA ASP A 583 -10.08 30.00 -2.09
C ASP A 583 -9.78 28.95 -1.02
N TYR A 584 -8.98 29.28 0.00
CA TYR A 584 -8.59 28.34 1.03
C TYR A 584 -9.11 28.82 2.39
N THR A 585 -9.60 27.88 3.19
CA THR A 585 -10.18 28.18 4.48
C THR A 585 -9.51 27.33 5.55
N ILE A 586 -9.46 27.85 6.77
CA ILE A 586 -8.76 27.19 7.87
C ILE A 586 -9.61 26.05 8.40
N TRP A 587 -8.99 24.91 8.63
CA TRP A 587 -9.65 23.70 9.09
C TRP A 587 -8.87 23.09 10.25
N LEU A 588 -9.59 22.65 11.28
CA LEU A 588 -9.00 22.04 12.46
C LEU A 588 -9.27 20.53 12.43
N ALA A 589 -8.21 19.75 12.57
CA ALA A 589 -8.31 18.31 12.44
C ALA A 589 -8.62 17.65 13.77
N HIS A 590 -9.26 16.47 13.70
CA HIS A 590 -9.57 15.68 14.89
C HIS A 590 -10.45 16.44 15.88
N SER A 591 -11.34 17.29 15.38
CA SER A 591 -12.19 18.08 16.26
C SER A 591 -13.39 17.26 16.72
N THR A 592 -13.64 17.26 18.04
CA THR A 592 -14.76 16.54 18.62
C THR A 592 -15.71 17.46 19.38
N ASP A 593 -15.19 18.33 20.24
CA ASP A 593 -16.01 19.23 21.04
C ASP A 593 -15.42 20.63 20.99
N PRO A 594 -16.02 21.56 20.24
CA PRO A 594 -15.43 22.90 20.13
C PRO A 594 -15.26 23.62 21.46
N GLU A 595 -16.16 23.40 22.41
CA GLU A 595 -16.09 24.13 23.67
C GLU A 595 -14.83 23.78 24.45
N ASP A 596 -14.41 22.53 24.41
CA ASP A 596 -13.28 22.09 25.22
C ASP A 596 -12.04 22.92 24.90
N TYR A 597 -11.31 23.30 25.96
CA TYR A 597 -10.15 24.16 25.79
C TYR A 597 -9.08 23.50 24.92
N GLU A 598 -8.79 22.23 25.17
CA GLU A 598 -7.83 21.47 24.37
C GLU A 598 -8.62 20.52 23.48
N ASP A 599 -9.05 21.04 22.34
CA ASP A 599 -9.87 20.30 21.39
C ASP A 599 -9.08 20.06 20.12
N GLY A 600 -8.89 18.78 19.78
CA GLY A 600 -8.32 18.41 18.51
C GLY A 600 -6.85 18.04 18.51
N CYS A 601 -6.21 17.94 19.68
CA CYS A 601 -4.80 17.57 19.74
C CYS A 601 -4.69 16.09 20.06
N ILE A 602 -4.22 15.32 19.09
CA ILE A 602 -4.02 13.89 19.21
C ILE A 602 -2.52 13.63 19.24
N LEU A 603 -2.07 12.83 20.21
CA LEU A 603 -0.66 12.51 20.37
C LEU A 603 0.16 13.75 20.72
N GLY A 604 -0.40 14.61 21.57
CA GLY A 604 0.35 15.68 22.18
C GLY A 604 0.31 17.02 21.47
N TYR A 605 -0.24 17.11 20.27
CA TYR A 605 -0.30 18.38 19.58
C TYR A 605 -1.44 18.36 18.58
N LYS A 606 -1.82 19.56 18.14
CA LYS A 606 -2.91 19.76 17.19
C LYS A 606 -2.42 20.52 15.97
N GLU A 607 -3.09 20.32 14.84
CA GLU A 607 -2.70 20.93 13.57
C GLU A 607 -3.90 21.55 12.90
N GLN A 608 -3.68 22.68 12.23
CA GLN A 608 -4.70 23.36 11.44
C GLN A 608 -4.24 23.43 9.99
N PHE A 609 -5.13 23.09 9.07
CA PHE A 609 -4.83 23.05 7.65
C PHE A 609 -5.57 24.15 6.92
N LEU A 610 -5.11 24.43 5.70
CA LEU A 610 -5.81 25.28 4.75
C LEU A 610 -6.32 24.39 3.63
N ARG A 611 -7.63 24.22 3.56
CA ARG A 611 -8.26 23.32 2.59
C ARG A 611 -9.03 24.12 1.56
N LEU A 612 -9.02 23.64 0.32
CA LEU A 612 -9.76 24.28 -0.74
C LEU A 612 -11.25 24.21 -0.44
N ARG A 613 -11.94 25.34 -0.62
CA ARG A 613 -13.37 25.39 -0.35
C ARG A 613 -14.15 24.54 -1.35
N LYS A 614 -15.25 23.95 -0.89
CA LYS A 614 -16.06 23.09 -1.74
C LYS A 614 -16.81 23.86 -2.81
N SER A 615 -16.92 25.18 -2.69
CA SER A 615 -17.65 26.00 -3.64
C SER A 615 -16.73 26.71 -4.63
N SER A 616 -15.46 26.31 -4.71
CA SER A 616 -14.50 26.91 -5.61
C SER A 616 -14.06 25.89 -6.65
N VAL A 617 -14.02 26.31 -7.92
CA VAL A 617 -13.57 25.46 -9.01
C VAL A 617 -12.26 26.03 -9.54
N CYS A 618 -11.14 25.53 -9.05
CA CYS A 618 -9.83 26.04 -9.43
C CYS A 618 -8.82 24.89 -9.40
N GLN A 619 -7.68 25.12 -10.04
CA GLN A 619 -6.65 24.10 -10.18
C GLN A 619 -5.54 24.36 -9.17
N ASN A 620 -5.23 23.34 -8.36
CA ASN A 620 -4.16 23.47 -7.39
C ASN A 620 -2.78 23.52 -8.06
N GLY A 621 -2.61 22.75 -9.13
CA GLY A 621 -1.33 22.68 -9.81
C GLY A 621 -0.49 21.50 -9.35
N ARG A 622 0.58 21.24 -10.10
CA ARG A 622 1.47 20.14 -9.79
C ARG A 622 2.48 20.49 -8.70
N ASP A 623 2.56 21.76 -8.29
CA ASP A 623 3.51 22.21 -7.28
C ASP A 623 2.79 22.60 -6.00
N TYR A 624 1.80 21.82 -5.60
CA TYR A 624 0.98 22.13 -4.42
C TYR A 624 1.55 21.42 -3.20
N VAL A 625 1.74 22.19 -2.12
CA VAL A 625 2.17 21.66 -0.83
C VAL A 625 1.19 22.15 0.21
N VAL A 626 0.73 21.24 1.07
CA VAL A 626 -0.33 21.55 2.02
C VAL A 626 0.21 22.46 3.11
N THR A 627 -0.50 23.55 3.38
CA THR A 627 -0.17 24.43 4.49
C THR A 627 -0.62 23.82 5.80
N LYS A 628 0.11 24.12 6.88
CA LYS A 628 -0.09 23.44 8.14
C LYS A 628 0.46 24.32 9.25
N GLN A 629 0.04 24.03 10.49
CA GLN A 629 0.49 24.82 11.63
C GLN A 629 0.32 24.06 12.94
N PRO A 630 1.30 23.24 13.34
CA PRO A 630 1.17 22.50 14.60
C PRO A 630 1.11 23.42 15.82
N SER A 631 0.29 23.03 16.79
CA SER A 631 0.25 23.66 18.11
C SER A 631 0.28 22.56 19.15
N ILE A 632 1.01 22.81 20.24
CA ILE A 632 1.37 21.77 21.20
C ILE A 632 0.44 21.82 22.40
N CYS A 633 -0.10 20.66 22.77
CA CYS A 633 -0.89 20.50 23.98
C CYS A 633 0.04 20.21 25.16
N LEU A 634 -0.54 19.96 26.33
CA LEU A 634 0.23 19.61 27.53
C LEU A 634 0.26 18.09 27.71
N CYS A 635 1.17 17.63 28.56
CA CYS A 635 1.32 16.22 28.85
C CYS A 635 0.37 15.80 29.97
N SER A 636 -0.18 14.59 29.83
CA SER A 636 -1.06 14.01 30.83
C SER A 636 -0.59 12.58 31.08
N LEU A 637 -1.29 11.89 31.99
CA LEU A 637 -0.98 10.51 32.27
C LEU A 637 -1.42 9.58 31.14
N GLU A 638 -2.18 10.08 30.18
CA GLU A 638 -2.64 9.27 29.05
C GLU A 638 -1.61 9.20 27.93
N ASP A 639 -0.52 9.96 28.02
CA ASP A 639 0.50 10.00 26.98
C ASP A 639 1.64 9.03 27.23
N PHE A 640 1.58 8.23 28.28
CA PHE A 640 2.65 7.33 28.66
C PHE A 640 2.15 5.89 28.69
N LEU A 641 3.04 4.96 28.37
CA LEU A 641 2.77 3.54 28.43
C LEU A 641 3.75 2.89 29.41
N CYS A 642 3.34 1.79 30.01
CA CYS A 642 4.20 1.09 30.94
C CYS A 642 5.42 0.54 30.21
N ASP A 643 6.52 0.37 30.95
CA ASP A 643 7.80 0.00 30.39
C ASP A 643 8.26 -1.33 30.95
N PHE A 644 8.59 -2.26 30.07
CA PHE A 644 9.23 -3.52 30.44
C PHE A 644 8.46 -4.21 31.55
N GLY A 645 9.08 -4.45 32.70
CA GLY A 645 8.44 -5.22 33.77
C GLY A 645 7.38 -4.44 34.53
N TYR A 646 6.33 -4.02 33.82
CA TYR A 646 5.23 -3.31 34.45
C TYR A 646 3.95 -3.61 33.69
N TYR A 647 2.81 -3.32 34.32
CA TYR A 647 1.51 -3.51 33.69
C TYR A 647 0.56 -2.45 34.19
N ARG A 648 -0.53 -2.26 33.45
CA ARG A 648 -1.52 -1.22 33.75
C ARG A 648 -2.84 -1.88 34.12
N PRO A 649 -3.20 -1.98 35.41
CA PRO A 649 -4.46 -2.64 35.77
C PRO A 649 -5.68 -1.89 35.25
N GLU A 650 -6.87 -2.46 35.48
CA GLU A 650 -8.09 -1.93 34.92
C GLU A 650 -8.53 -0.66 35.63
N ASN A 651 -9.24 0.21 34.89
CA ASN A 651 -9.84 1.42 35.44
C ASN A 651 -8.82 2.35 36.08
N ASP A 652 -7.60 2.39 35.53
CA ASP A 652 -6.58 3.31 35.99
C ASP A 652 -5.39 3.23 35.05
N SER A 653 -4.71 4.36 34.89
CA SER A 653 -3.53 4.44 34.02
C SER A 653 -2.23 4.20 34.76
N LYS A 654 -2.27 3.99 36.08
CA LYS A 654 -1.05 3.76 36.84
C LYS A 654 -0.37 2.47 36.38
N CYS A 655 0.95 2.51 36.32
CA CYS A 655 1.75 1.32 36.00
C CYS A 655 2.32 0.76 37.30
N VAL A 656 2.04 -0.52 37.56
CA VAL A 656 2.49 -1.18 38.77
C VAL A 656 3.24 -2.45 38.38
N GLU A 657 4.34 -2.71 39.07
CA GLU A 657 5.21 -3.83 38.71
C GLU A 657 4.46 -5.15 38.84
N GLN A 658 4.96 -6.14 38.12
CA GLN A 658 4.36 -7.48 38.18
C GLN A 658 4.47 -8.02 39.59
N PRO A 659 3.36 -8.44 40.22
CA PRO A 659 3.43 -9.00 41.57
C PRO A 659 4.39 -10.19 41.67
N HIS A 676 20.92 -6.17 31.16
CA HIS A 676 20.07 -5.76 32.27
C HIS A 676 19.51 -4.36 32.01
N LEU A 677 18.19 -4.23 32.11
CA LEU A 677 17.50 -2.98 31.84
C LEU A 677 16.66 -2.59 33.05
N THR A 678 16.69 -1.30 33.40
CA THR A 678 15.91 -0.76 34.49
C THR A 678 15.50 0.66 34.17
N THR A 679 14.25 1.01 34.49
CA THR A 679 13.72 2.33 34.21
C THR A 679 12.81 2.75 35.36
N ASN A 680 12.17 3.92 35.21
CA ASN A 680 11.27 4.40 36.24
C ASN A 680 9.95 3.65 36.22
N GLY A 681 9.43 3.36 35.04
CA GLY A 681 8.19 2.62 34.92
C GLY A 681 7.30 3.08 33.78
N TYR A 682 7.55 4.30 33.29
CA TYR A 682 6.76 4.89 32.22
C TYR A 682 7.66 5.15 31.01
N ARG A 683 7.04 5.13 29.83
CA ARG A 683 7.74 5.33 28.58
C ARG A 683 6.83 6.10 27.64
N LYS A 684 7.30 7.24 27.14
CA LYS A 684 6.45 8.12 26.34
C LYS A 684 6.10 7.46 25.01
N ILE A 685 4.86 7.64 24.59
CA ILE A 685 4.38 6.99 23.36
C ILE A 685 5.19 7.48 22.18
N PRO A 686 5.59 6.63 21.23
CA PRO A 686 6.32 7.12 20.06
C PRO A 686 5.45 8.04 19.22
N GLY A 687 5.96 9.25 18.97
CA GLY A 687 5.24 10.25 18.22
C GLY A 687 4.64 11.36 19.06
N ASP A 688 4.58 11.20 20.38
CA ASP A 688 4.04 12.24 21.24
C ASP A 688 4.96 13.45 21.23
N LYS A 689 4.37 14.65 21.24
CA LYS A 689 5.12 15.89 21.23
C LYS A 689 4.62 16.86 22.30
N CYS A 690 4.02 16.31 23.36
CA CYS A 690 3.52 17.17 24.43
C CYS A 690 4.68 17.77 25.22
N GLN A 691 4.38 18.88 25.90
CA GLN A 691 5.39 19.58 26.69
C GLN A 691 4.78 20.06 28.00
N GLY A 692 5.52 19.89 29.08
CA GLY A 692 5.06 20.35 30.38
C GLY A 692 3.88 19.55 30.89
N GLY A 693 3.41 19.94 32.08
CA GLY A 693 2.27 19.28 32.68
C GLY A 693 2.66 18.24 33.69
N VAL A 694 2.28 16.99 33.44
CA VAL A 694 2.52 15.88 34.36
C VAL A 694 3.56 14.96 33.72
N ASN A 695 4.66 14.72 34.44
CA ASN A 695 5.75 13.86 33.97
C ASN A 695 5.98 12.79 35.02
N PRO A 696 5.32 11.64 34.91
CA PRO A 696 5.47 10.59 35.94
C PRO A 696 6.82 9.90 35.88
N VAL A 697 7.90 10.65 36.10
CA VAL A 697 9.24 10.08 36.10
C VAL A 697 10.12 10.87 37.07
#